data_2Y5A
#
_entry.id   2Y5A
#
_cell.length_a   50.853
_cell.length_b   75.362
_cell.length_c   106.884
_cell.angle_alpha   90.00
_cell.angle_beta   90.00
_cell.angle_gamma   90.00
#
_symmetry.space_group_name_H-M   'P 21 21 21'
#
loop_
_entity.id
_entity.type
_entity.pdbx_description
1 polymer 'CYTOCHROME C PEROXIDASE\, MITOCHONDRIAL'
2 non-polymer 'PROTOPORPHYRIN IX CONTAINING FE'
3 non-polymer 3-AMINOPYRIDINE
4 water water
#
_entity_poly.entity_id   1
_entity_poly.type   'polypeptide(L)'
_entity_poly.pdbx_seq_one_letter_code
;MKTLVHVASVEKGRSYEDFQKVYNAIALKLREDDEYDNYIGYGPVLVRLAWHISGTWDKHDNTGGSYGGTYRFKKEFNDP
SNAGLQNGFKFLEPIHKEFPWISSGDLFSLGGVTAVQEMQGPKIPWRCGRVDTPEDTTPDNGRLPDADKDAGYVRTFFQR
LNMNDREVVALMGAHALGKTHLKNSGYEGPGGAANNVFTNEFYLNLLNEDWKLEKNDANNEQWDSKSGYMMLPTDYSLIQ
DPKYLSIVKEYANDQDKFFKDFSKAFEKLLENGITFPKDAPSPFIFKTLEEQGL
;
_entity_poly.pdbx_strand_id   A
#
loop_
_chem_comp.id
_chem_comp.type
_chem_comp.name
_chem_comp.formula
3AP non-polymer 3-AMINOPYRIDINE 'C5 H7 N2 1'
HEM non-polymer 'PROTOPORPHYRIN IX CONTAINING FE' 'C34 H32 Fe N4 O4'
#
# COMPACT_ATOMS: atom_id res chain seq x y z
N THR A 3 10.04 -7.54 23.01
CA THR A 3 9.77 -7.41 21.55
C THR A 3 10.94 -7.97 20.72
N LEU A 4 10.58 -8.65 19.63
CA LEU A 4 11.56 -9.22 18.71
C LEU A 4 12.41 -8.12 18.06
N VAL A 5 13.66 -8.44 17.75
CA VAL A 5 14.50 -7.53 16.97
C VAL A 5 14.76 -8.14 15.59
N HIS A 6 14.49 -7.36 14.55
CA HIS A 6 14.78 -7.74 13.17
C HIS A 6 15.79 -6.76 12.59
N VAL A 7 17.04 -7.21 12.45
CA VAL A 7 18.09 -6.35 11.93
C VAL A 7 18.18 -6.49 10.41
N ALA A 8 18.12 -5.35 9.71
CA ALA A 8 18.29 -5.34 8.27
C ALA A 8 19.67 -5.88 7.89
N SER A 9 19.70 -6.80 6.94
CA SER A 9 20.94 -7.40 6.48
C SER A 9 20.96 -7.35 4.96
N VAL A 10 21.86 -6.53 4.41
CA VAL A 10 21.92 -6.32 2.96
C VAL A 10 22.20 -7.63 2.24
N GLU A 11 21.39 -7.93 1.23
CA GLU A 11 21.63 -9.11 0.38
C GLU A 11 23.09 -9.08 -0.08
N LYS A 12 23.77 -10.22 0.05
CA LYS A 12 25.22 -10.23 0.00
C LYS A 12 25.81 -9.58 -1.26
N GLY A 13 26.61 -8.55 -1.05
CA GLY A 13 27.32 -7.85 -2.13
C GLY A 13 26.48 -6.92 -2.97
N ARG A 14 25.20 -6.76 -2.66
CA ARG A 14 24.30 -5.97 -3.51
C ARG A 14 24.37 -4.49 -3.16
N SER A 15 24.10 -3.66 -4.16
CA SER A 15 24.10 -2.21 -3.99
C SER A 15 22.97 -1.59 -4.80
N TYR A 16 22.92 -0.26 -4.82
CA TYR A 16 21.86 0.48 -5.50
C TYR A 16 21.54 -0.07 -6.88
N GLU A 17 22.58 -0.30 -7.70
CA GLU A 17 22.36 -0.72 -9.08
C GLU A 17 21.61 -2.05 -9.18
N ASP A 18 21.89 -2.98 -8.27
CA ASP A 18 21.17 -4.25 -8.27
C ASP A 18 19.69 -4.03 -8.05
N PHE A 19 19.34 -3.17 -7.10
CA PHE A 19 17.94 -2.93 -6.79
C PHE A 19 17.25 -2.10 -7.87
N GLN A 20 18.00 -1.20 -8.51
CA GLN A 20 17.44 -0.47 -9.64
C GLN A 20 17.09 -1.43 -10.78
N LYS A 21 17.89 -2.49 -10.97
CA LYS A 21 17.55 -3.50 -11.98
C LYS A 21 16.25 -4.22 -11.64
N VAL A 22 16.03 -4.51 -10.35
CA VAL A 22 14.80 -5.18 -9.94
C VAL A 22 13.62 -4.24 -10.14
N TYR A 23 13.77 -3.00 -9.69
CA TYR A 23 12.80 -1.94 -9.95
C TYR A 23 12.44 -1.89 -11.44
N ASN A 24 13.47 -1.86 -12.30
CA ASN A 24 13.22 -1.75 -13.72
C ASN A 24 12.45 -2.94 -14.27
N ALA A 25 12.78 -4.14 -13.80
CA ALA A 25 12.06 -5.34 -14.25
C ALA A 25 10.58 -5.27 -13.85
N ILE A 26 10.31 -4.84 -12.61
CA ILE A 26 8.93 -4.67 -12.15
C ILE A 26 8.22 -3.62 -13.01
N ALA A 27 8.90 -2.49 -13.24
CA ALA A 27 8.33 -1.38 -13.98
C ALA A 27 8.05 -1.75 -15.44
N LEU A 28 8.95 -2.51 -16.05
CA LEU A 28 8.76 -2.95 -17.43
C LEU A 28 7.58 -3.91 -17.54
N LYS A 29 7.44 -4.80 -16.56
CA LYS A 29 6.32 -5.74 -16.53
C LYS A 29 5.00 -5.01 -16.28
N LEU A 30 5.03 -3.97 -15.45
CA LEU A 30 3.85 -3.13 -15.24
C LEU A 30 3.38 -2.51 -16.56
N ARG A 31 4.33 -2.05 -17.35
CA ARG A 31 4.03 -1.47 -18.66
C ARG A 31 3.47 -2.52 -19.62
N GLU A 32 4.06 -3.72 -19.59
CA GLU A 32 3.71 -4.81 -20.52
C GLU A 32 2.35 -5.43 -20.25
N ASP A 33 2.07 -5.72 -18.97
CA ASP A 33 0.86 -6.43 -18.58
C ASP A 33 -0.30 -5.47 -18.33
N ASP A 34 -0.68 -4.73 -19.37
CA ASP A 34 -1.58 -3.60 -19.23
C ASP A 34 -3.06 -3.95 -19.16
N GLU A 35 -3.41 -5.17 -19.56
CA GLU A 35 -4.82 -5.57 -19.67
C GLU A 35 -5.47 -5.86 -18.32
N TYR A 36 -4.65 -6.20 -17.33
CA TYR A 36 -5.14 -6.69 -16.05
C TYR A 36 -6.20 -5.77 -15.44
N ASP A 37 -7.27 -6.39 -14.93
CA ASP A 37 -8.35 -5.70 -14.21
C ASP A 37 -8.96 -4.60 -15.09
N ASN A 38 -9.42 -5.00 -16.27
CA ASN A 38 -10.01 -4.08 -17.24
C ASN A 38 -9.14 -2.85 -17.50
N TYR A 39 -7.86 -3.12 -17.75
CA TYR A 39 -6.86 -2.12 -18.14
C TYR A 39 -6.48 -1.13 -17.04
N ILE A 40 -6.79 -1.45 -15.80
CA ILE A 40 -6.19 -0.72 -14.69
C ILE A 40 -4.69 -1.03 -14.62
N GLY A 41 -4.33 -2.28 -14.91
CA GLY A 41 -2.95 -2.72 -14.76
C GLY A 41 -2.67 -3.13 -13.31
N TYR A 42 -1.45 -3.61 -13.07
CA TYR A 42 -1.09 -4.22 -11.78
C TYR A 42 -0.62 -3.22 -10.72
N GLY A 43 -0.51 -1.94 -11.07
CA GLY A 43 0.01 -0.95 -10.12
C GLY A 43 -0.74 -0.95 -8.79
N PRO A 44 -2.06 -0.76 -8.82
CA PRO A 44 -2.80 -0.69 -7.56
C PRO A 44 -2.70 -1.95 -6.70
N VAL A 45 -2.82 -3.13 -7.28
CA VAL A 45 -2.74 -4.35 -6.48
C VAL A 45 -1.34 -4.52 -5.85
N LEU A 46 -0.29 -4.07 -6.53
CA LEU A 46 1.05 -4.11 -5.94
C LEU A 46 1.19 -3.16 -4.76
N VAL A 47 0.56 -2.00 -4.84
CA VAL A 47 0.55 -1.07 -3.70
C VAL A 47 -0.19 -1.71 -2.54
N ARG A 48 -1.34 -2.32 -2.80
CA ARG A 48 -2.08 -2.96 -1.73
CA ARG A 48 -2.12 -3.00 -1.75
C ARG A 48 -1.30 -4.13 -1.14
N LEU A 49 -0.61 -4.90 -1.97
CA LEU A 49 0.21 -5.99 -1.46
C LEU A 49 1.29 -5.47 -0.49
N ALA A 50 2.00 -4.41 -0.88
CA ALA A 50 3.05 -3.84 -0.03
C ALA A 50 2.48 -3.37 1.30
N TRP A 51 1.30 -2.78 1.28
CA TRP A 51 0.62 -2.35 2.51
C TRP A 51 0.18 -3.54 3.36
N HIS A 52 -0.42 -4.56 2.76
CA HIS A 52 -0.90 -5.69 3.55
C HIS A 52 0.20 -6.53 4.17
N ILE A 53 1.35 -6.63 3.50
CA ILE A 53 2.45 -7.37 4.09
C ILE A 53 3.10 -6.59 5.24
N SER A 54 2.92 -5.27 5.22
CA SER A 54 3.45 -4.39 6.27
C SER A 54 2.45 -4.20 7.42
N GLY A 55 1.16 -4.21 7.08
CA GLY A 55 0.08 -3.83 7.99
C GLY A 55 -0.27 -4.87 9.04
N THR A 56 0.39 -6.01 9.00
CA THR A 56 0.25 -7.04 10.04
C THR A 56 1.10 -6.69 11.27
N TRP A 57 1.93 -5.65 11.18
CA TRP A 57 2.83 -5.29 12.26
C TRP A 57 2.09 -4.93 13.54
N ASP A 58 2.67 -5.31 14.67
CA ASP A 58 2.16 -4.87 15.97
C ASP A 58 3.33 -4.25 16.72
N LYS A 59 3.25 -2.95 16.98
CA LYS A 59 4.33 -2.22 17.66
C LYS A 59 4.61 -2.77 19.05
N HIS A 60 3.64 -3.44 19.66
CA HIS A 60 3.79 -3.88 21.05
C HIS A 60 4.80 -5.00 21.22
N ASP A 61 4.91 -5.89 20.24
CA ASP A 61 5.81 -7.02 20.35
C ASP A 61 6.66 -7.26 19.10
N ASN A 62 6.55 -6.37 18.12
CA ASN A 62 7.24 -6.51 16.82
C ASN A 62 6.93 -7.80 16.08
N THR A 63 5.72 -8.33 16.26
CA THR A 63 5.26 -9.41 15.41
C THR A 63 4.72 -8.84 14.10
N GLY A 64 4.59 -9.69 13.10
CA GLY A 64 4.16 -9.25 11.77
C GLY A 64 5.16 -8.31 11.14
N GLY A 65 4.68 -7.48 10.22
CA GLY A 65 5.53 -6.52 9.52
C GLY A 65 6.17 -7.09 8.26
N SER A 66 6.74 -6.20 7.44
CA SER A 66 7.30 -6.61 6.14
C SER A 66 8.56 -7.47 6.23
N TYR A 67 9.29 -7.39 7.33
CA TYR A 67 10.64 -7.97 7.39
C TYR A 67 10.72 -9.41 6.92
N GLY A 68 9.83 -10.25 7.44
CA GLY A 68 9.99 -11.69 7.29
C GLY A 68 9.49 -12.30 6.00
N GLY A 69 8.80 -11.51 5.17
CA GLY A 69 8.29 -12.01 3.90
C GLY A 69 7.27 -13.12 4.05
N THR A 70 6.51 -13.08 5.13
CA THR A 70 5.69 -14.22 5.54
C THR A 70 4.42 -14.42 4.70
N TYR A 71 4.07 -13.44 3.86
CA TYR A 71 2.96 -13.57 2.94
C TYR A 71 3.12 -14.80 2.03
N ARG A 72 4.35 -15.26 1.83
CA ARG A 72 4.61 -16.45 1.02
C ARG A 72 4.06 -17.74 1.64
N PHE A 73 3.68 -17.68 2.91
CA PHE A 73 3.15 -18.85 3.61
C PHE A 73 1.62 -18.87 3.60
N LYS A 74 1.07 -20.08 3.49
CA LYS A 74 -0.37 -20.27 3.26
C LYS A 74 -1.30 -19.56 4.25
N LYS A 75 -0.93 -19.55 5.53
CA LYS A 75 -1.78 -18.91 6.53
C LYS A 75 -2.04 -17.45 6.15
N GLU A 76 -0.99 -16.75 5.74
CA GLU A 76 -1.09 -15.34 5.40
C GLU A 76 -1.65 -15.11 4.00
N PHE A 77 -1.20 -15.85 2.98
CA PHE A 77 -1.77 -15.59 1.66
C PHE A 77 -3.24 -15.97 1.54
N ASN A 78 -3.69 -16.87 2.42
CA ASN A 78 -5.09 -17.26 2.50
C ASN A 78 -5.93 -16.43 3.47
N ASP A 79 -5.33 -15.42 4.09
CA ASP A 79 -6.09 -14.49 4.95
C ASP A 79 -7.24 -13.91 4.13
N PRO A 80 -8.49 -14.03 4.62
CA PRO A 80 -9.60 -13.40 3.89
C PRO A 80 -9.34 -11.93 3.57
N SER A 81 -8.62 -11.22 4.46
CA SER A 81 -8.28 -9.81 4.24
C SER A 81 -7.37 -9.60 3.03
N ASN A 82 -6.70 -10.67 2.61
CA ASN A 82 -5.75 -10.62 1.50
C ASN A 82 -6.32 -11.12 0.17
N ALA A 83 -7.63 -11.37 0.11
CA ALA A 83 -8.24 -11.90 -1.10
C ALA A 83 -8.01 -10.95 -2.27
N GLY A 84 -7.45 -11.49 -3.36
CA GLY A 84 -7.12 -10.69 -4.54
C GLY A 84 -5.64 -10.41 -4.68
N LEU A 85 -4.91 -10.41 -3.56
CA LEU A 85 -3.48 -10.12 -3.58
C LEU A 85 -2.64 -11.19 -4.27
N GLN A 86 -3.23 -12.38 -4.42
CA GLN A 86 -2.58 -13.46 -5.16
C GLN A 86 -2.19 -13.00 -6.56
N ASN A 87 -2.98 -12.09 -7.13
CA ASN A 87 -2.67 -11.50 -8.43
C ASN A 87 -1.34 -10.74 -8.41
N GLY A 88 -1.10 -9.98 -7.36
CA GLY A 88 0.16 -9.26 -7.19
C GLY A 88 1.33 -10.21 -6.99
N PHE A 89 1.12 -11.25 -6.19
CA PHE A 89 2.14 -12.27 -5.97
C PHE A 89 2.53 -12.96 -7.27
N LYS A 90 1.53 -13.33 -8.08
CA LYS A 90 1.78 -14.00 -9.34
C LYS A 90 2.53 -13.09 -10.31
N PHE A 91 2.22 -11.80 -10.31
CA PHE A 91 2.94 -10.81 -11.11
C PHE A 91 4.42 -10.79 -10.71
N LEU A 92 4.68 -10.85 -9.41
CA LEU A 92 6.05 -10.78 -8.92
C LEU A 92 6.87 -12.07 -9.05
N GLU A 93 6.20 -13.20 -9.26
CA GLU A 93 6.88 -14.49 -9.37
C GLU A 93 8.01 -14.50 -10.43
N PRO A 94 7.74 -14.05 -11.67
CA PRO A 94 8.86 -14.06 -12.63
C PRO A 94 9.97 -13.08 -12.28
N ILE A 95 9.64 -12.01 -11.58
CA ILE A 95 10.66 -11.08 -11.09
C ILE A 95 11.57 -11.80 -10.09
N HIS A 96 10.96 -12.52 -9.16
CA HIS A 96 11.74 -13.24 -8.15
C HIS A 96 12.59 -14.35 -8.76
N LYS A 97 12.07 -14.97 -9.81
CA LYS A 97 12.81 -16.02 -10.53
C LYS A 97 14.05 -15.44 -11.20
N GLU A 98 13.91 -14.25 -11.80
CA GLU A 98 15.05 -13.57 -12.43
C GLU A 98 16.06 -13.07 -11.41
N PHE A 99 15.58 -12.63 -10.25
CA PHE A 99 16.44 -12.07 -9.21
C PHE A 99 16.25 -12.88 -7.93
N PRO A 100 16.73 -14.14 -7.91
CA PRO A 100 16.41 -15.01 -6.77
C PRO A 100 17.07 -14.58 -5.48
N TRP A 101 18.05 -13.68 -5.58
CA TRP A 101 18.80 -13.17 -4.43
C TRP A 101 18.04 -12.17 -3.57
N ILE A 102 16.98 -11.56 -4.10
CA ILE A 102 16.23 -10.59 -3.30
C ILE A 102 15.34 -11.32 -2.29
N SER A 103 15.24 -10.80 -1.07
CA SER A 103 14.35 -11.42 -0.09
C SER A 103 12.89 -11.15 -0.47
N SER A 104 12.00 -11.97 0.07
CA SER A 104 10.58 -11.82 -0.23
C SER A 104 10.03 -10.49 0.27
N GLY A 105 10.36 -10.09 1.50
CA GLY A 105 9.93 -8.80 2.03
C GLY A 105 10.46 -7.63 1.22
N ASP A 106 11.72 -7.71 0.80
CA ASP A 106 12.26 -6.67 -0.06
C ASP A 106 11.51 -6.61 -1.39
N LEU A 107 11.23 -7.77 -1.98
CA LEU A 107 10.50 -7.78 -3.24
C LEU A 107 9.08 -7.23 -3.12
N PHE A 108 8.33 -7.66 -2.10
CA PHE A 108 6.96 -7.21 -1.96
C PHE A 108 6.90 -5.70 -1.72
N SER A 109 7.78 -5.21 -0.84
CA SER A 109 7.79 -3.77 -0.54
C SER A 109 8.27 -2.95 -1.73
N LEU A 110 9.30 -3.44 -2.42
CA LEU A 110 9.80 -2.76 -3.60
C LEU A 110 8.75 -2.72 -4.70
N GLY A 111 7.93 -3.78 -4.80
CA GLY A 111 6.80 -3.77 -5.73
C GLY A 111 5.89 -2.57 -5.53
N GLY A 112 5.59 -2.27 -4.27
CA GLY A 112 4.73 -1.13 -3.94
C GLY A 112 5.37 0.20 -4.29
N VAL A 113 6.64 0.36 -3.93
CA VAL A 113 7.39 1.56 -4.27
C VAL A 113 7.42 1.77 -5.79
N THR A 114 7.72 0.71 -6.53
CA THR A 114 7.84 0.81 -7.97
C THR A 114 6.49 1.22 -8.56
N ALA A 115 5.42 0.58 -8.10
CA ALA A 115 4.08 0.90 -8.59
C ALA A 115 3.73 2.36 -8.34
N VAL A 116 3.93 2.86 -7.13
CA VAL A 116 3.63 4.26 -6.85
C VAL A 116 4.39 5.19 -7.80
N GLN A 117 5.70 4.96 -7.94
CA GLN A 117 6.51 5.86 -8.75
C GLN A 117 6.15 5.77 -10.23
N GLU A 118 5.92 4.57 -10.72
CA GLU A 118 5.61 4.39 -12.14
C GLU A 118 4.24 4.96 -12.48
N MET A 119 3.33 5.01 -11.50
CA MET A 119 2.02 5.65 -11.65
C MET A 119 2.09 7.17 -11.43
N GLN A 120 3.29 7.73 -11.48
CA GLN A 120 3.53 9.18 -11.41
C GLN A 120 3.33 9.74 -10.01
N GLY A 121 3.45 8.87 -9.00
CA GLY A 121 3.38 9.31 -7.62
C GLY A 121 4.69 9.89 -7.14
N PRO A 122 4.77 10.17 -5.85
CA PRO A 122 6.01 10.70 -5.29
C PRO A 122 7.13 9.67 -5.32
N LYS A 123 8.37 10.14 -5.30
CA LYS A 123 9.48 9.25 -5.00
C LYS A 123 9.31 8.72 -3.58
N ILE A 124 9.54 7.43 -3.39
CA ILE A 124 9.49 6.80 -2.08
C ILE A 124 10.86 6.21 -1.81
N PRO A 125 11.64 6.81 -0.89
CA PRO A 125 12.91 6.17 -0.55
C PRO A 125 12.66 4.77 -0.01
N TRP A 126 13.57 3.86 -0.33
CA TRP A 126 13.39 2.45 0.00
C TRP A 126 14.71 1.87 0.49
N ARG A 127 14.63 1.04 1.52
CA ARG A 127 15.81 0.41 2.11
C ARG A 127 15.72 -1.08 1.93
N CYS A 128 16.86 -1.69 1.58
CA CYS A 128 16.93 -3.14 1.50
C CYS A 128 17.28 -3.77 2.85
N GLY A 129 17.20 -5.09 2.88
CA GLY A 129 17.72 -5.83 4.02
C GLY A 129 16.72 -6.63 4.83
N ARG A 130 15.47 -6.67 4.40
CA ARG A 130 14.51 -7.60 5.01
C ARG A 130 15.02 -9.03 4.76
N VAL A 131 14.82 -9.91 5.73
CA VAL A 131 15.32 -11.29 5.65
C VAL A 131 14.17 -12.25 5.85
N ASP A 132 14.02 -13.22 4.95
CA ASP A 132 12.95 -14.22 5.07
C ASP A 132 13.04 -14.94 6.42
N THR A 133 11.92 -15.04 7.11
CA THR A 133 11.84 -15.78 8.36
C THR A 133 10.92 -17.00 8.19
N PRO A 134 11.01 -17.99 9.10
CA PRO A 134 10.31 -19.27 8.93
C PRO A 134 8.80 -19.20 9.05
N GLU A 135 8.14 -20.28 8.63
CA GLU A 135 6.68 -20.35 8.61
C GLU A 135 6.02 -20.05 9.96
N ASP A 136 6.67 -20.46 11.05
CA ASP A 136 6.09 -20.23 12.39
C ASP A 136 6.12 -18.76 12.84
N THR A 137 6.76 -17.89 12.05
CA THR A 137 6.76 -16.45 12.34
C THR A 137 5.62 -15.71 11.63
N THR A 138 4.82 -16.45 10.85
CA THR A 138 3.70 -15.86 10.11
C THR A 138 2.65 -15.37 11.10
N PRO A 139 2.23 -14.10 10.99
CA PRO A 139 1.21 -13.62 11.92
C PRO A 139 -0.15 -14.24 11.60
N ASP A 140 -0.96 -14.45 12.63
CA ASP A 140 -2.33 -14.93 12.45
C ASP A 140 -3.16 -13.94 11.62
N ASN A 141 -4.20 -14.44 10.96
CA ASN A 141 -5.19 -13.59 10.29
C ASN A 141 -5.86 -12.68 11.30
N GLY A 142 -6.37 -11.55 10.82
CA GLY A 142 -7.17 -10.66 11.65
C GLY A 142 -6.51 -9.37 12.08
N ARG A 143 -5.29 -9.12 11.59
CA ARG A 143 -4.54 -7.92 11.96
C ARG A 143 -4.77 -6.76 10.99
N LEU A 144 -5.38 -7.04 9.84
CA LEU A 144 -5.66 -5.99 8.86
C LEU A 144 -7.05 -5.39 9.12
N PRO A 145 -7.30 -4.14 8.68
CA PRO A 145 -8.48 -3.43 9.17
C PRO A 145 -9.79 -3.80 8.46
N ASP A 146 -10.88 -3.70 9.21
CA ASP A 146 -12.24 -3.81 8.68
C ASP A 146 -12.63 -2.51 7.99
N ALA A 147 -13.50 -2.61 6.98
CA ALA A 147 -13.92 -1.45 6.20
C ALA A 147 -15.28 -0.89 6.61
N ASP A 148 -16.01 -1.62 7.45
CA ASP A 148 -17.39 -1.25 7.79
C ASP A 148 -17.52 -0.34 9.00
N LYS A 149 -16.41 0.23 9.44
CA LYS A 149 -16.28 0.89 10.72
C LYS A 149 -16.19 2.41 10.60
N ASP A 150 -16.09 3.08 11.75
CA ASP A 150 -16.07 4.53 11.83
C ASP A 150 -14.69 5.12 12.12
N ALA A 151 -14.64 6.43 12.29
CA ALA A 151 -13.37 7.13 12.45
C ALA A 151 -12.63 6.70 13.70
N GLY A 152 -13.37 6.47 14.79
CA GLY A 152 -12.75 6.02 16.03
C GLY A 152 -12.05 4.68 15.88
N TYR A 153 -12.67 3.79 15.11
CA TYR A 153 -12.07 2.50 14.81
C TYR A 153 -10.76 2.68 14.03
N VAL A 154 -10.80 3.53 12.99
CA VAL A 154 -9.64 3.77 12.13
C VAL A 154 -8.49 4.33 12.95
N ARG A 155 -8.81 5.31 13.79
CA ARG A 155 -7.80 5.97 14.61
C ARG A 155 -7.12 4.99 15.56
N THR A 156 -7.93 4.22 16.29
CA THR A 156 -7.42 3.20 17.19
C THR A 156 -6.62 2.13 16.45
N PHE A 157 -7.16 1.66 15.32
CA PHE A 157 -6.50 0.63 14.54
C PHE A 157 -5.06 1.04 14.22
N PHE A 158 -4.91 2.24 13.69
CA PHE A 158 -3.62 2.69 13.21
C PHE A 158 -2.61 3.03 14.30
N GLN A 159 -3.07 3.20 15.54
CA GLN A 159 -2.14 3.34 16.66
C GLN A 159 -1.26 2.10 16.80
N ARG A 160 -1.78 0.93 16.43
CA ARG A 160 -1.00 -0.30 16.52
C ARG A 160 0.18 -0.29 15.54
N LEU A 161 0.02 0.47 14.46
CA LEU A 161 1.04 0.65 13.44
C LEU A 161 1.86 1.92 13.66
N ASN A 162 1.68 2.54 14.82
CA ASN A 162 2.37 3.78 15.17
C ASN A 162 2.13 4.91 14.17
N MET A 163 0.89 5.01 13.66
CA MET A 163 0.52 6.08 12.75
C MET A 163 -0.42 7.05 13.43
N ASN A 164 -0.17 8.34 13.23
CA ASN A 164 -1.00 9.41 13.76
C ASN A 164 -2.06 9.85 12.74
N ASP A 165 -2.85 10.87 13.08
CA ASP A 165 -3.95 11.28 12.21
C ASP A 165 -3.45 11.67 10.82
N ARG A 166 -2.39 12.47 10.75
CA ARG A 166 -1.87 12.93 9.47
CA ARG A 166 -1.90 12.93 9.45
C ARG A 166 -1.39 11.76 8.61
N GLU A 167 -0.68 10.82 9.25
CA GLU A 167 -0.16 9.65 8.56
C GLU A 167 -1.29 8.78 8.03
N VAL A 168 -2.33 8.59 8.84
CA VAL A 168 -3.51 7.83 8.42
C VAL A 168 -4.19 8.46 7.21
N VAL A 169 -4.46 9.76 7.29
CA VAL A 169 -5.17 10.42 6.20
C VAL A 169 -4.32 10.41 4.93
N ALA A 170 -3.00 10.62 5.06
CA ALA A 170 -2.10 10.55 3.91
C ALA A 170 -2.12 9.17 3.28
N LEU A 171 -1.96 8.13 4.11
CA LEU A 171 -1.92 6.77 3.57
C LEU A 171 -3.22 6.42 2.83
N MET A 172 -4.35 6.88 3.35
CA MET A 172 -5.64 6.53 2.75
C MET A 172 -5.81 7.10 1.35
N GLY A 173 -5.00 8.09 0.99
CA GLY A 173 -5.04 8.66 -0.35
C GLY A 173 -4.73 7.65 -1.44
N ALA A 174 -4.09 6.53 -1.06
CA ALA A 174 -3.87 5.44 -1.99
C ALA A 174 -5.17 4.84 -2.50
N HIS A 175 -6.29 5.13 -1.84
CA HIS A 175 -7.58 4.68 -2.31
C HIS A 175 -8.09 5.39 -3.57
N ALA A 176 -7.32 6.34 -4.08
CA ALA A 176 -7.52 6.79 -5.47
C ALA A 176 -7.23 5.65 -6.46
N LEU A 177 -6.38 4.71 -6.05
CA LEU A 177 -5.86 3.68 -6.96
C LEU A 177 -6.74 2.45 -7.03
N GLY A 178 -6.88 1.91 -8.24
CA GLY A 178 -7.52 0.62 -8.41
C GLY A 178 -9.01 0.68 -8.14
N LYS A 179 -9.51 -0.34 -7.46
CA LYS A 179 -10.93 -0.40 -7.16
C LYS A 179 -11.18 -1.46 -6.10
N THR A 180 -12.38 -1.39 -5.51
CA THR A 180 -12.90 -2.50 -4.73
C THR A 180 -13.58 -3.49 -5.68
N HIS A 181 -13.46 -4.78 -5.38
CA HIS A 181 -14.02 -5.84 -6.20
C HIS A 181 -14.96 -6.66 -5.33
N LEU A 182 -16.23 -6.76 -5.71
CA LEU A 182 -17.21 -7.41 -4.84
C LEU A 182 -16.77 -8.80 -4.37
N LYS A 183 -16.21 -9.59 -5.29
CA LYS A 183 -15.81 -10.95 -4.97
C LYS A 183 -14.64 -11.06 -3.99
N ASN A 184 -13.80 -10.01 -3.93
CA ASN A 184 -12.68 -9.99 -3.00
C ASN A 184 -13.07 -9.54 -1.59
N SER A 185 -13.82 -8.45 -1.49
CA SER A 185 -13.98 -7.74 -0.23
C SER A 185 -15.43 -7.46 0.17
N GLY A 186 -16.37 -7.72 -0.74
CA GLY A 186 -17.77 -7.37 -0.49
C GLY A 186 -18.07 -5.90 -0.74
N TYR A 187 -17.18 -5.21 -1.47
CA TYR A 187 -17.36 -3.82 -1.87
C TYR A 187 -17.08 -3.70 -3.37
N GLU A 188 -17.77 -2.79 -4.04
CA GLU A 188 -17.58 -2.65 -5.48
C GLU A 188 -17.42 -1.21 -5.96
N GLY A 189 -16.39 -0.99 -6.77
CA GLY A 189 -16.22 0.28 -7.49
C GLY A 189 -14.94 1.01 -7.17
N PRO A 190 -14.59 1.99 -8.01
CA PRO A 190 -13.37 2.80 -7.85
C PRO A 190 -13.64 4.03 -6.98
N GLY A 191 -12.58 4.65 -6.49
CA GLY A 191 -12.69 5.89 -5.72
C GLY A 191 -12.65 7.15 -6.56
N GLY A 192 -12.44 7.01 -7.86
CA GLY A 192 -12.30 8.15 -8.74
C GLY A 192 -12.09 7.74 -10.18
N ALA A 193 -11.67 8.70 -10.99
CA ALA A 193 -11.56 8.49 -12.43
C ALA A 193 -10.17 8.00 -12.86
N ALA A 194 -9.14 8.56 -12.24
CA ALA A 194 -7.76 8.30 -12.66
C ALA A 194 -7.12 7.20 -11.82
N ASN A 195 -7.64 5.99 -11.93
CA ASN A 195 -7.30 5.00 -10.91
C ASN A 195 -6.03 4.17 -11.16
N ASN A 196 -5.26 4.53 -12.18
CA ASN A 196 -3.89 4.04 -12.26
C ASN A 196 -2.87 5.14 -12.41
N VAL A 197 -3.26 6.34 -11.99
CA VAL A 197 -2.36 7.47 -11.88
C VAL A 197 -2.47 7.95 -10.44
N PHE A 198 -1.33 8.15 -9.79
CA PHE A 198 -1.29 8.57 -8.40
C PHE A 198 -1.49 10.07 -8.29
N THR A 199 -2.64 10.48 -7.77
CA THR A 199 -2.97 11.90 -7.56
C THR A 199 -3.67 12.03 -6.22
N ASN A 200 -4.02 13.26 -5.85
CA ASN A 200 -4.80 13.55 -4.65
C ASN A 200 -6.31 13.50 -4.87
N GLU A 201 -6.76 12.81 -5.91
CA GLU A 201 -8.19 12.78 -6.26
C GLU A 201 -9.09 12.21 -5.15
N PHE A 202 -8.57 11.31 -4.32
CA PHE A 202 -9.37 10.72 -3.24
C PHE A 202 -9.97 11.83 -2.37
N TYR A 203 -9.14 12.82 -2.02
CA TYR A 203 -9.56 13.91 -1.14
C TYR A 203 -10.53 14.86 -1.84
N LEU A 204 -10.22 15.22 -3.09
CA LEU A 204 -11.14 16.03 -3.87
C LEU A 204 -12.50 15.36 -4.01
N ASN A 205 -12.51 14.07 -4.27
CA ASN A 205 -13.78 13.35 -4.43
C ASN A 205 -14.55 13.27 -3.12
N LEU A 206 -13.86 13.01 -2.02
CA LEU A 206 -14.53 13.03 -0.72
C LEU A 206 -15.28 14.35 -0.51
N LEU A 207 -14.62 15.46 -0.83
CA LEU A 207 -15.17 16.77 -0.54
C LEU A 207 -16.20 17.25 -1.56
N ASN A 208 -16.05 16.83 -2.81
CA ASN A 208 -16.78 17.46 -3.91
C ASN A 208 -17.92 16.65 -4.49
N GLU A 209 -17.89 15.33 -4.34
CA GLU A 209 -18.95 14.47 -4.86
C GLU A 209 -20.16 14.50 -3.94
N ASP A 210 -21.32 14.20 -4.53
CA ASP A 210 -22.54 14.03 -3.74
CA ASP A 210 -22.56 14.03 -3.77
C ASP A 210 -22.70 12.55 -3.41
N TRP A 211 -22.40 12.22 -2.17
CA TRP A 211 -22.35 10.83 -1.71
C TRP A 211 -23.68 10.36 -1.15
N LYS A 212 -24.08 9.15 -1.54
CA LYS A 212 -25.30 8.53 -1.02
C LYS A 212 -24.95 7.20 -0.39
N LEU A 213 -25.48 6.96 0.81
CA LEU A 213 -25.23 5.72 1.51
C LEU A 213 -26.14 4.62 0.96
N GLU A 214 -25.56 3.66 0.26
CA GLU A 214 -26.33 2.64 -0.44
C GLU A 214 -25.89 1.24 0.00
N LYS A 215 -26.68 0.24 -0.35
CA LYS A 215 -26.25 -1.15 -0.21
C LYS A 215 -25.81 -1.71 -1.55
N ASN A 216 -24.67 -2.39 -1.55
CA ASN A 216 -24.19 -3.05 -2.74
C ASN A 216 -24.79 -4.45 -2.85
N ASP A 217 -24.39 -5.20 -3.88
CA ASP A 217 -24.98 -6.52 -4.14
C ASP A 217 -24.54 -7.59 -3.15
N ALA A 218 -23.59 -7.26 -2.28
CA ALA A 218 -23.19 -8.16 -1.20
C ALA A 218 -23.88 -7.79 0.12
N ASN A 219 -24.84 -6.88 0.04
CA ASN A 219 -25.62 -6.42 1.21
C ASN A 219 -24.79 -5.62 2.22
N ASN A 220 -23.69 -5.02 1.74
CA ASN A 220 -22.89 -4.13 2.57
C ASN A 220 -23.12 -2.68 2.19
N GLU A 221 -23.08 -1.80 3.19
CA GLU A 221 -23.19 -0.37 2.93
C GLU A 221 -21.88 0.22 2.41
N GLN A 222 -22.03 1.10 1.42
CA GLN A 222 -20.92 1.90 0.92
C GLN A 222 -21.49 3.22 0.41
N TRP A 223 -20.63 4.23 0.29
CA TRP A 223 -21.05 5.55 -0.16
C TRP A 223 -20.77 5.66 -1.65
N ASP A 224 -21.79 6.01 -2.42
CA ASP A 224 -21.70 6.05 -3.88
C ASP A 224 -22.03 7.42 -4.42
N SER A 225 -21.38 7.80 -5.52
CA SER A 225 -21.70 9.04 -6.21
C SER A 225 -22.24 8.76 -7.61
N LYS A 226 -22.94 9.75 -8.18
CA LYS A 226 -23.49 9.62 -9.53
C LYS A 226 -22.41 9.53 -10.61
N SER A 227 -21.18 9.94 -10.26
CA SER A 227 -20.03 9.79 -11.16
C SER A 227 -19.59 8.33 -11.30
N GLY A 228 -20.12 7.45 -10.45
CA GLY A 228 -19.74 6.05 -10.45
C GLY A 228 -18.58 5.74 -9.50
N TYR A 229 -18.36 6.62 -8.53
CA TYR A 229 -17.31 6.40 -7.54
C TYR A 229 -17.92 5.88 -6.25
N MET A 230 -17.06 5.29 -5.42
CA MET A 230 -17.48 4.80 -4.12
C MET A 230 -16.44 5.19 -3.08
N MET A 231 -16.90 5.17 -1.82
CA MET A 231 -16.07 5.29 -0.63
C MET A 231 -16.51 4.21 0.34
N LEU A 232 -15.55 3.52 0.95
CA LEU A 232 -15.86 2.63 2.06
C LEU A 232 -16.36 3.46 3.25
N PRO A 233 -17.10 2.82 4.18
CA PRO A 233 -17.43 3.54 5.41
C PRO A 233 -16.18 4.12 6.10
N THR A 234 -15.07 3.39 6.08
CA THR A 234 -13.84 3.90 6.70
C THR A 234 -13.24 5.08 5.93
N ASP A 235 -13.38 5.08 4.60
CA ASP A 235 -12.97 6.24 3.80
C ASP A 235 -13.80 7.46 4.15
N TYR A 236 -15.13 7.29 4.17
CA TYR A 236 -16.04 8.38 4.42
C TYR A 236 -15.88 8.93 5.83
N SER A 237 -15.43 8.08 6.75
CA SER A 237 -15.20 8.51 8.12
C SER A 237 -14.20 9.66 8.20
N LEU A 238 -13.34 9.78 7.19
CA LEU A 238 -12.33 10.85 7.19
C LEU A 238 -12.95 12.24 7.00
N ILE A 239 -14.20 12.31 6.55
CA ILE A 239 -14.89 13.60 6.51
C ILE A 239 -15.98 13.73 7.58
N GLN A 240 -16.25 12.65 8.31
CA GLN A 240 -17.18 12.69 9.43
C GLN A 240 -16.48 13.19 10.70
N ASP A 241 -15.22 12.83 10.87
CA ASP A 241 -14.44 13.23 12.04
C ASP A 241 -13.81 14.61 11.77
N PRO A 242 -13.96 15.57 12.69
CA PRO A 242 -13.47 16.94 12.37
C PRO A 242 -11.94 17.05 12.25
N LYS A 243 -11.20 16.20 12.96
CA LYS A 243 -9.74 16.24 12.88
C LYS A 243 -9.27 15.67 11.55
N TYR A 244 -9.84 14.55 11.15
CA TYR A 244 -9.53 14.00 9.84
C TYR A 244 -9.96 14.96 8.72
N LEU A 245 -11.13 15.58 8.87
CA LEU A 245 -11.65 16.47 7.83
C LEU A 245 -10.67 17.60 7.51
N SER A 246 -10.06 18.20 8.53
CA SER A 246 -9.16 19.31 8.26
CA SER A 246 -9.11 19.28 8.32
C SER A 246 -7.97 18.83 7.41
N ILE A 247 -7.49 17.62 7.66
CA ILE A 247 -6.36 17.08 6.91
C ILE A 247 -6.77 16.71 5.48
N VAL A 248 -7.97 16.15 5.32
CA VAL A 248 -8.51 15.89 3.99
C VAL A 248 -8.54 17.18 3.17
N LYS A 249 -9.03 18.26 3.77
CA LYS A 249 -9.04 19.56 3.08
C LYS A 249 -7.64 20.03 2.71
N GLU A 250 -6.68 19.82 3.61
CA GLU A 250 -5.32 20.21 3.33
C GLU A 250 -4.77 19.50 2.09
N TYR A 251 -4.94 18.18 2.04
CA TYR A 251 -4.41 17.42 0.90
C TYR A 251 -5.20 17.68 -0.38
N ALA A 252 -6.50 17.94 -0.27
CA ALA A 252 -7.30 18.31 -1.45
C ALA A 252 -6.83 19.62 -2.06
N ASN A 253 -6.16 20.44 -1.26
CA ASN A 253 -5.73 21.76 -1.68
C ASN A 253 -4.21 21.91 -1.87
N ASP A 254 -3.47 20.82 -1.75
CA ASP A 254 -2.01 20.90 -1.86
C ASP A 254 -1.45 19.57 -2.30
N GLN A 255 -1.34 19.41 -3.61
CA GLN A 255 -0.83 18.17 -4.22
C GLN A 255 0.57 17.82 -3.74
N ASP A 256 1.44 18.82 -3.67
CA ASP A 256 2.81 18.57 -3.28
C ASP A 256 2.90 18.12 -1.83
N LYS A 257 2.12 18.74 -0.96
CA LYS A 257 2.11 18.36 0.44
C LYS A 257 1.62 16.92 0.62
N PHE A 258 0.55 16.56 -0.09
CA PHE A 258 0.10 15.20 -0.07
C PHE A 258 1.21 14.23 -0.51
N PHE A 259 1.86 14.53 -1.63
CA PHE A 259 2.93 13.67 -2.13
C PHE A 259 4.03 13.48 -1.09
N LYS A 260 4.47 14.58 -0.47
CA LYS A 260 5.55 14.51 0.50
C LYS A 260 5.14 13.73 1.74
N ASP A 261 3.94 13.96 2.24
CA ASP A 261 3.47 13.26 3.43
C ASP A 261 3.20 11.78 3.15
N PHE A 262 2.62 11.48 1.99
CA PHE A 262 2.41 10.09 1.63
C PHE A 262 3.75 9.34 1.54
N SER A 263 4.73 9.96 0.89
CA SER A 263 6.03 9.33 0.74
C SER A 263 6.62 8.94 2.10
N LYS A 264 6.59 9.86 3.05
CA LYS A 264 7.12 9.59 4.38
C LYS A 264 6.35 8.48 5.08
N ALA A 265 5.02 8.57 5.03
CA ALA A 265 4.20 7.59 5.76
C ALA A 265 4.32 6.19 5.15
N PHE A 266 4.39 6.13 3.81
CA PHE A 266 4.49 4.84 3.12
C PHE A 266 5.85 4.18 3.36
N GLU A 267 6.92 4.98 3.31
CA GLU A 267 8.22 4.42 3.68
C GLU A 267 8.19 3.90 5.11
N LYS A 268 7.65 4.70 6.02
CA LYS A 268 7.56 4.31 7.42
C LYS A 268 6.78 2.99 7.59
N LEU A 269 5.64 2.90 6.94
CA LEU A 269 4.82 1.70 6.95
C LEU A 269 5.63 0.47 6.53
N LEU A 270 6.37 0.60 5.42
CA LEU A 270 7.15 -0.48 4.85
C LEU A 270 8.38 -0.85 5.69
N GLU A 271 8.78 0.06 6.59
CA GLU A 271 9.96 -0.12 7.41
C GLU A 271 9.67 -0.45 8.87
N ASN A 272 8.39 -0.36 9.27
CA ASN A 272 8.03 -0.64 10.65
C ASN A 272 8.55 -2.02 11.05
N GLY A 273 9.16 -2.09 12.22
CA GLY A 273 9.64 -3.36 12.75
C GLY A 273 11.10 -3.67 12.44
N ILE A 274 11.71 -2.90 11.55
CA ILE A 274 13.07 -3.16 11.10
C ILE A 274 14.06 -2.23 11.79
N THR A 275 15.12 -2.84 12.33
CA THR A 275 16.24 -2.11 12.89
C THR A 275 17.32 -2.00 11.82
N PHE A 276 17.66 -0.76 11.45
CA PHE A 276 18.72 -0.52 10.49
C PHE A 276 20.01 -0.19 11.22
N PRO A 277 21.07 -1.01 11.02
CA PRO A 277 22.38 -0.71 11.62
C PRO A 277 22.86 0.69 11.24
N LYS A 278 23.64 1.32 12.12
CA LYS A 278 24.11 2.68 11.88
C LYS A 278 24.94 2.82 10.60
N ASP A 279 25.58 1.73 10.18
CA ASP A 279 26.37 1.70 8.95
C ASP A 279 25.64 1.06 7.74
N ALA A 280 24.32 0.87 7.88
CA ALA A 280 23.49 0.42 6.76
C ALA A 280 23.54 1.46 5.64
N PRO A 281 23.34 1.02 4.38
CA PRO A 281 23.30 2.01 3.30
C PRO A 281 22.18 3.02 3.53
N SER A 282 22.36 4.23 3.03
CA SER A 282 21.28 5.21 3.00
C SER A 282 20.12 4.68 2.16
N PRO A 283 18.90 5.19 2.40
CA PRO A 283 17.77 4.77 1.55
C PRO A 283 18.04 5.05 0.08
N PHE A 284 17.56 4.15 -0.77
CA PHE A 284 17.70 4.30 -2.21
C PHE A 284 16.52 5.07 -2.77
N ILE A 285 16.78 5.97 -3.71
CA ILE A 285 15.71 6.60 -4.47
C ILE A 285 15.88 6.17 -5.92
N PHE A 286 14.99 5.31 -6.38
CA PHE A 286 15.06 4.75 -7.71
C PHE A 286 14.55 5.71 -8.76
N LYS A 287 15.24 5.72 -9.89
CA LYS A 287 14.79 6.46 -11.05
C LYS A 287 13.65 5.72 -11.74
N THR A 288 12.66 6.46 -12.23
CA THR A 288 11.58 5.82 -12.99
C THR A 288 12.10 5.39 -14.36
N LEU A 289 11.36 4.53 -15.04
CA LEU A 289 11.72 4.20 -16.43
C LEU A 289 11.80 5.47 -17.26
N GLU A 290 10.83 6.35 -17.08
CA GLU A 290 10.79 7.61 -17.80
C GLU A 290 12.06 8.45 -17.58
N GLU A 291 12.50 8.57 -16.33
CA GLU A 291 13.73 9.31 -16.04
C GLU A 291 14.98 8.69 -16.68
N GLN A 292 14.95 7.37 -16.89
CA GLN A 292 16.08 6.64 -17.48
C GLN A 292 16.01 6.59 -19.00
N GLY A 293 14.91 7.07 -19.59
CA GLY A 293 14.75 6.98 -21.04
C GLY A 293 14.46 5.56 -21.49
N LEU A 294 13.91 4.74 -20.57
CA LEU A 294 13.61 3.34 -20.85
C LEU A 294 12.12 3.09 -21.04
CHA HEM B . -8.29 -1.77 -1.84
CHB HEM B . -9.88 -1.52 2.72
CHC HEM B . -6.08 1.23 3.88
CHD HEM B . -4.28 0.63 -0.54
C1A HEM B . -9.04 -1.96 -0.70
C2A HEM B . -10.24 -2.76 -0.62
C3A HEM B . -10.67 -2.69 0.64
C4A HEM B . -9.78 -1.85 1.39
CMA HEM B . -11.93 -3.37 1.24
CAA HEM B . -10.83 -3.54 -1.80
CBA HEM B . -10.09 -4.87 -2.00
CGA HEM B . -10.69 -5.55 -3.21
O1A HEM B . -11.93 -5.72 -3.23
O2A HEM B . -9.94 -5.93 -4.14
C1B HEM B . -9.01 -0.72 3.42
C2B HEM B . -9.20 -0.27 4.78
C3B HEM B . -8.15 0.50 5.11
C4B HEM B . -7.27 0.56 3.96
CMB HEM B . -10.40 -0.67 5.64
CAB HEM B . -7.86 1.22 6.44
CBB HEM B . -8.84 1.63 7.25
C1C HEM B . -5.20 1.23 2.81
C2C HEM B . -3.85 1.73 2.83
C3C HEM B . -3.34 1.57 1.60
C4C HEM B . -4.36 0.95 0.78
CMC HEM B . -3.19 2.33 4.08
CAC HEM B . -1.93 1.90 1.08
CBC HEM B . -1.25 3.00 1.40
C1D HEM B . -5.25 0.04 -1.32
C2D HEM B . -5.18 -0.07 -2.75
C3D HEM B . -6.41 -0.82 -3.15
C4D HEM B . -7.11 -1.09 -1.93
CMD HEM B . -4.08 0.48 -3.66
CAD HEM B . -6.82 -1.19 -4.58
CBD HEM B . -6.40 -2.63 -4.88
CGD HEM B . -6.80 -3.09 -6.25
O1D HEM B . -6.61 -4.31 -6.54
O2D HEM B . -7.29 -2.29 -7.07
NA HEM B . -8.78 -1.41 0.54
NB HEM B . -7.84 -0.19 2.95
NC HEM B . -5.48 0.75 1.55
ND HEM B . -6.41 -0.56 -0.86
FE HEM B . -7.14 -0.31 1.04
N1 3AP C . -11.75 3.00 -2.06
C2 3AP C . -11.23 3.01 -3.30
C3 3AP C . -10.34 2.00 -3.69
C4 3AP C . -10.02 1.00 -2.78
C5 3AP C . -10.59 1.02 -1.52
C6 3AP C . -11.46 2.05 -1.17
N3 3AP C . -9.82 2.02 -4.94
#